data_8K5X
#
_entry.id   8K5X
#
_cell.length_a   90.388
_cell.length_b   73.176
_cell.length_c   76.163
_cell.angle_alpha   90.00
_cell.angle_beta   103.66
_cell.angle_gamma   90.00
#
_symmetry.space_group_name_H-M   'C 1 2 1'
#
loop_
_entity.id
_entity.type
_entity.pdbx_description
1 polymer 'Matrix metalloproteinase-9'
2 non-polymer 'ZINC ION'
3 non-polymer 'CALCIUM ION'
4 non-polymer (6-cyclopropyl-1~{H}-indol-2-yl)-(5,7,8,9-tetrahydropyrido[4,3-c]azepin-6-yl)methanone
5 non-polymer 'CHLORIDE ION'
6 non-polymer 'DIHYDROGENPHOSPHATE ION'
7 water water
#
_entity_poly.entity_id   1
_entity_poly.type   'polypeptide(L)'
_entity_poly.pdbx_seq_one_letter_code
;MVLFPGDLRTNLTDRQLAEEYLYRYGYTRVAEMRGESKSLGPALLLLQKQLSLPETGELDSATLKAMRTPRCGVPDLGRF
QTFEGDLKWHHHNITYWIQNYSEDLPRAVIDDAFARAFALWSAVTPLTFTRVYSRDADIVIQFGVAEHGDGYPFDGKDGL
LAHAFPPGPGIQGDAHFDDDELWSLGKGQGYSLFLVAAHEFGHALGLDHSSVPEALMYPMYRFTEGPPLHKDDVNGIRHL
YG
;
_entity_poly.pdbx_strand_id   A,B
#
loop_
_chem_comp.id
_chem_comp.type
_chem_comp.name
_chem_comp.formula
2HP non-polymer 'DIHYDROGENPHOSPHATE ION' 'H2 O4 P -1'
CA non-polymer 'CALCIUM ION' 'Ca 2'
CL non-polymer 'CHLORIDE ION' 'Cl -1'
VOZ non-polymer (6-cyclopropyl-1~{H}-indol-2-yl)-(5,7,8,9-tetrahydropyrido[4,3-c]azepin-6-yl)methanone 'C21 H21 N3 O'
ZN non-polymer 'ZINC ION' 'Zn 2'
#
# COMPACT_ATOMS: atom_id res chain seq x y z
N LEU A 12 18.36 14.18 -30.75
CA LEU A 12 18.34 12.72 -31.15
C LEU A 12 17.17 12.48 -32.10
N THR A 13 17.39 11.80 -33.21
CA THR A 13 16.28 11.34 -34.05
C THR A 13 15.56 10.18 -33.36
N ASP A 14 14.40 9.86 -33.89
CA ASP A 14 13.60 8.71 -33.43
C ASP A 14 14.49 7.47 -33.58
N ARG A 15 15.22 7.34 -34.68
CA ARG A 15 16.00 6.12 -35.00
C ARG A 15 17.17 6.05 -34.03
N GLN A 16 17.83 7.17 -33.77
CA GLN A 16 18.97 7.26 -32.83
C GLN A 16 18.49 6.93 -31.42
N LEU A 17 17.37 7.49 -30.98
CA LEU A 17 16.80 7.17 -29.66
C LEU A 17 16.56 5.66 -29.60
N ALA A 18 15.97 5.06 -30.63
CA ALA A 18 15.67 3.61 -30.64
C ALA A 18 16.95 2.79 -30.44
N GLU A 19 18.00 3.10 -31.20
CA GLU A 19 19.29 2.36 -31.13
C GLU A 19 19.86 2.51 -29.71
N GLU A 20 19.81 3.71 -29.15
CA GLU A 20 20.37 3.98 -27.82
C GLU A 20 19.58 3.23 -26.74
N TYR A 21 18.26 3.22 -26.84
CA TYR A 21 17.36 2.52 -25.89
C TYR A 21 17.65 1.02 -25.95
N LEU A 22 17.68 0.48 -27.15
CA LEU A 22 17.92 -0.98 -27.31
C LEU A 22 19.28 -1.36 -26.69
N TYR A 23 20.30 -0.52 -26.88
CA TYR A 23 21.64 -0.81 -26.35
C TYR A 23 21.65 -0.74 -24.81
N ARG A 24 21.18 0.35 -24.27
CA ARG A 24 21.33 0.65 -22.83
C ARG A 24 20.60 -0.42 -22.00
N TYR A 25 19.46 -0.92 -22.47
CA TYR A 25 18.60 -1.78 -21.62
C TYR A 25 18.84 -3.25 -21.94
N GLY A 26 19.81 -3.55 -22.80
CA GLY A 26 20.35 -4.91 -22.95
C GLY A 26 19.75 -5.67 -24.12
N TYR A 27 18.85 -5.06 -24.89
CA TYR A 27 18.23 -5.74 -26.05
C TYR A 27 19.24 -6.05 -27.19
N THR A 28 20.12 -5.10 -27.54
CA THR A 28 21.10 -5.27 -28.63
C THR A 28 22.05 -6.43 -28.29
N ARG A 29 22.55 -6.50 -27.05
CA ARG A 29 23.43 -7.59 -26.62
C ARG A 29 22.74 -8.95 -26.83
N VAL A 30 21.47 -9.09 -26.45
CA VAL A 30 20.77 -10.39 -26.63
C VAL A 30 20.59 -10.68 -28.12
N ALA A 31 20.32 -9.65 -28.92
CA ALA A 31 20.20 -9.83 -30.38
C ALA A 31 21.58 -10.27 -30.91
N GLU A 32 22.68 -9.70 -30.43
CA GLU A 32 24.04 -10.16 -30.84
C GLU A 32 24.19 -11.66 -30.54
N MET A 33 23.75 -12.09 -29.35
CA MET A 33 23.87 -13.53 -28.95
C MET A 33 23.00 -14.42 -29.83
N ARG A 34 22.08 -13.86 -30.60
CA ARG A 34 21.16 -14.63 -31.48
C ARG A 34 21.49 -14.37 -32.95
N GLY A 35 22.67 -13.80 -33.24
CA GLY A 35 23.15 -13.54 -34.60
C GLY A 35 22.31 -12.49 -35.33
N GLU A 36 21.59 -11.60 -34.63
CA GLU A 36 20.53 -10.79 -35.27
C GLU A 36 20.61 -9.31 -34.87
N SER A 37 21.82 -8.73 -34.84
CA SER A 37 21.97 -7.30 -34.44
C SER A 37 22.31 -6.38 -35.63
N LYS A 38 22.45 -6.92 -36.84
CA LYS A 38 22.63 -6.24 -38.18
C LYS A 38 21.49 -5.26 -38.56
N SER A 39 20.26 -5.46 -38.07
CA SER A 39 19.02 -4.67 -38.33
C SER A 39 18.21 -4.53 -37.02
N LEU A 40 17.32 -3.55 -36.97
CA LEU A 40 16.61 -3.12 -35.73
C LEU A 40 15.57 -4.16 -35.34
N GLY A 41 14.97 -4.84 -36.31
CA GLY A 41 13.74 -5.63 -36.13
C GLY A 41 13.83 -6.63 -34.98
N PRO A 42 14.80 -7.54 -34.99
CA PRO A 42 14.85 -8.55 -33.95
C PRO A 42 14.91 -7.98 -32.51
N ALA A 43 15.73 -6.97 -32.28
CA ALA A 43 15.89 -6.35 -30.94
C ALA A 43 14.53 -5.72 -30.57
N LEU A 44 13.86 -5.11 -31.54
CA LEU A 44 12.53 -4.49 -31.32
C LEU A 44 11.54 -5.54 -30.82
N LEU A 45 11.53 -6.73 -31.42
CA LEU A 45 10.63 -7.85 -31.00
C LEU A 45 10.95 -8.23 -29.53
N LEU A 46 12.23 -8.31 -29.19
CA LEU A 46 12.68 -8.60 -27.78
C LEU A 46 12.09 -7.55 -26.84
N LEU A 47 12.21 -6.28 -27.21
CA LEU A 47 11.70 -5.16 -26.37
C LEU A 47 10.16 -5.19 -26.30
N GLN A 48 9.47 -5.43 -27.41
CA GLN A 48 8.00 -5.46 -27.43
C GLN A 48 7.50 -6.60 -26.53
N LYS A 49 8.16 -7.75 -26.57
CA LYS A 49 7.85 -8.85 -25.65
C LYS A 49 8.12 -8.42 -24.20
N GLN A 50 9.30 -7.90 -23.91
CA GLN A 50 9.68 -7.51 -22.53
C GLN A 50 8.74 -6.43 -21.95
N LEU A 51 8.25 -5.49 -22.77
CA LEU A 51 7.45 -4.33 -22.29
C LEU A 51 5.95 -4.59 -22.49
N SER A 52 5.54 -5.76 -22.97
CA SER A 52 4.12 -6.12 -23.29
C SER A 52 3.53 -5.13 -24.28
N LEU A 53 4.28 -4.77 -25.32
CA LEU A 53 3.76 -4.02 -26.49
C LEU A 53 3.38 -5.01 -27.57
N PRO A 54 2.53 -4.61 -28.55
CA PRO A 54 2.30 -5.47 -29.71
C PRO A 54 3.63 -5.84 -30.39
N GLU A 55 3.77 -7.13 -30.69
CA GLU A 55 5.03 -7.74 -31.17
C GLU A 55 5.12 -7.68 -32.70
N THR A 56 5.38 -6.51 -33.24
CA THR A 56 5.37 -6.18 -34.69
C THR A 56 6.78 -6.27 -35.28
N GLY A 57 7.83 -6.13 -34.46
CA GLY A 57 9.20 -5.98 -34.94
C GLY A 57 9.45 -4.69 -35.71
N GLU A 58 8.56 -3.70 -35.58
CA GLU A 58 8.69 -2.41 -36.29
C GLU A 58 8.91 -1.29 -35.27
N LEU A 59 9.62 -0.23 -35.67
CA LEU A 59 9.71 1.02 -34.89
C LEU A 59 8.43 1.79 -35.20
N ASP A 60 7.34 1.32 -34.57
CA ASP A 60 5.98 1.87 -34.71
C ASP A 60 5.71 2.91 -33.61
N SER A 61 4.47 3.43 -33.60
CA SER A 61 4.06 4.55 -32.73
C SER A 61 4.07 4.10 -31.26
N ALA A 62 3.56 2.90 -30.98
CA ALA A 62 3.53 2.34 -29.61
C ALA A 62 4.98 2.16 -29.14
N THR A 63 5.87 1.64 -29.99
CA THR A 63 7.27 1.38 -29.57
C THR A 63 8.00 2.73 -29.35
N LEU A 64 7.81 3.72 -30.23
CA LEU A 64 8.49 5.03 -30.08
C LEU A 64 7.95 5.71 -28.83
N LYS A 65 6.65 5.61 -28.61
CA LYS A 65 6.04 6.23 -27.42
C LYS A 65 6.68 5.58 -26.18
N ALA A 66 6.77 4.24 -26.13
CA ALA A 66 7.44 3.50 -25.04
C ALA A 66 8.87 4.05 -24.84
N MET A 67 9.61 4.19 -25.93
CA MET A 67 11.05 4.54 -25.82
C MET A 67 11.20 5.98 -25.31
N ARG A 68 10.26 6.89 -25.62
CA ARG A 68 10.31 8.28 -25.13
C ARG A 68 9.84 8.38 -23.68
N THR A 69 9.32 7.31 -23.11
CA THR A 69 8.70 7.38 -21.77
C THR A 69 9.80 7.35 -20.73
N PRO A 70 9.82 8.32 -19.78
CA PRO A 70 10.72 8.29 -18.63
C PRO A 70 10.69 6.95 -17.89
N ARG A 71 11.84 6.48 -17.42
CA ARG A 71 11.94 5.10 -16.91
C ARG A 71 13.16 4.93 -16.00
N CYS A 72 13.21 3.75 -15.42
CA CYS A 72 14.33 3.24 -14.61
C CYS A 72 15.59 3.04 -15.46
N GLY A 73 16.75 3.38 -14.90
CA GLY A 73 18.08 3.19 -15.48
C GLY A 73 18.58 1.76 -15.38
N VAL A 74 17.89 0.85 -14.68
CA VAL A 74 18.38 -0.54 -14.56
C VAL A 74 18.08 -1.24 -15.87
N PRO A 75 18.98 -2.09 -16.42
CA PRO A 75 18.68 -2.83 -17.65
C PRO A 75 17.49 -3.79 -17.56
N ASP A 76 16.96 -4.18 -18.70
CA ASP A 76 15.81 -5.14 -18.73
C ASP A 76 16.31 -6.54 -19.04
N LEU A 77 17.23 -6.69 -19.97
CA LEU A 77 17.84 -8.01 -20.21
C LEU A 77 19.28 -7.91 -19.72
N GLY A 78 19.47 -8.53 -18.57
CA GLY A 78 20.76 -8.66 -17.88
C GLY A 78 20.90 -7.60 -16.82
N ARG A 79 22.16 -7.34 -16.48
CA ARG A 79 22.57 -6.49 -15.35
C ARG A 79 23.65 -5.52 -15.85
N GLN A 81 26.24 -5.45 -14.30
CA GLN A 81 27.52 -6.18 -14.14
C GLN A 81 27.27 -7.50 -13.41
N THR A 82 28.30 -8.32 -13.31
CA THR A 82 28.35 -9.44 -12.35
C THR A 82 28.49 -8.82 -10.95
N PHE A 83 27.65 -9.25 -10.00
CA PHE A 83 27.70 -8.83 -8.58
C PHE A 83 28.09 -10.00 -7.70
N GLU A 84 28.35 -9.75 -6.42
CA GLU A 84 28.69 -10.83 -5.45
C GLU A 84 27.41 -11.43 -4.86
N GLY A 85 27.43 -12.74 -4.65
CA GLY A 85 26.43 -13.48 -3.88
C GLY A 85 25.19 -13.77 -4.69
N ASP A 86 24.15 -14.27 -4.03
CA ASP A 86 22.93 -14.77 -4.70
C ASP A 86 21.86 -13.68 -4.81
N LEU A 87 22.19 -12.40 -4.56
CA LEU A 87 21.32 -11.23 -4.86
C LEU A 87 20.04 -11.23 -4.02
N LYS A 88 20.11 -11.72 -2.80
CA LYS A 88 19.05 -11.46 -1.78
C LYS A 88 19.68 -11.19 -0.43
N TRP A 89 18.95 -10.52 0.44
CA TRP A 89 19.45 -10.23 1.81
C TRP A 89 19.45 -11.52 2.64
N HIS A 90 20.38 -11.62 3.58
CA HIS A 90 20.50 -12.82 4.45
C HIS A 90 20.37 -12.41 5.91
N HIS A 91 19.74 -11.27 6.16
CA HIS A 91 19.36 -10.80 7.52
C HIS A 91 18.03 -10.05 7.36
N HIS A 92 17.30 -9.91 8.44
CA HIS A 92 15.89 -9.41 8.48
CA HIS A 92 15.90 -9.40 8.41
C HIS A 92 15.87 -7.86 8.54
N ASN A 93 16.84 -7.25 9.24
CA ASN A 93 16.69 -5.79 9.53
C ASN A 93 17.53 -5.01 8.55
N ILE A 94 16.88 -4.50 7.51
CA ILE A 94 17.57 -3.79 6.41
C ILE A 94 17.71 -2.34 6.83
N THR A 95 18.93 -1.83 6.85
CA THR A 95 19.19 -0.43 7.25
C THR A 95 19.37 0.41 6.00
N TYR A 96 19.01 1.68 6.09
CA TYR A 96 19.23 2.66 4.99
C TYR A 96 19.73 3.99 5.53
N TRP A 97 20.63 4.60 4.75
CA TRP A 97 21.25 5.90 5.04
C TRP A 97 21.00 6.84 3.87
N ILE A 98 20.32 7.95 4.14
CA ILE A 98 20.17 9.06 3.18
C ILE A 98 21.46 9.90 3.18
N GLN A 99 22.34 9.68 2.22
CA GLN A 99 23.72 10.21 2.26
C GLN A 99 23.67 11.70 1.96
N ASN A 100 22.78 12.14 1.07
CA ASN A 100 22.69 13.58 0.70
C ASN A 100 21.27 13.86 0.25
N TYR A 101 21.00 15.11 -0.10
CA TYR A 101 19.63 15.56 -0.40
C TYR A 101 19.60 16.37 -1.69
N SER A 102 18.55 16.15 -2.49
CA SER A 102 18.07 17.10 -3.51
C SER A 102 17.65 18.37 -2.78
N GLU A 103 17.92 19.51 -3.39
CA GLU A 103 17.41 20.81 -2.93
C GLU A 103 15.98 21.03 -3.43
N ASP A 104 15.39 20.11 -4.23
CA ASP A 104 14.09 20.34 -4.90
C ASP A 104 12.95 20.23 -3.89
N LEU A 105 13.17 19.51 -2.78
CA LEU A 105 12.13 19.29 -1.75
C LEU A 105 12.75 19.55 -0.38
N PRO A 106 11.93 19.87 0.64
CA PRO A 106 12.44 19.94 2.01
C PRO A 106 12.93 18.57 2.47
N ARG A 107 13.90 18.57 3.37
CA ARG A 107 14.55 17.34 3.85
C ARG A 107 13.52 16.42 4.51
N ALA A 108 12.61 16.96 5.32
CA ALA A 108 11.57 16.16 6.00
C ALA A 108 10.67 15.48 4.94
N VAL A 109 10.43 16.13 3.80
CA VAL A 109 9.50 15.56 2.78
C VAL A 109 10.20 14.41 2.04
N ILE A 110 11.48 14.59 1.72
CA ILE A 110 12.35 13.54 1.16
C ILE A 110 12.41 12.35 2.13
N ASP A 111 12.64 12.61 3.42
CA ASP A 111 12.84 11.54 4.43
C ASP A 111 11.53 10.72 4.45
N ASP A 112 10.40 11.43 4.45
CA ASP A 112 9.07 10.81 4.52
C ASP A 112 8.78 10.03 3.23
N ALA A 113 9.15 10.58 2.06
CA ALA A 113 8.94 9.89 0.77
C ALA A 113 9.68 8.53 0.80
N PHE A 114 10.91 8.49 1.30
CA PHE A 114 11.68 7.23 1.42
C PHE A 114 11.03 6.32 2.48
N ALA A 115 10.57 6.86 3.61
CA ALA A 115 9.97 6.05 4.71
C ALA A 115 8.73 5.38 4.15
N ARG A 116 7.98 6.12 3.34
CA ARG A 116 6.68 5.62 2.84
C ARG A 116 6.96 4.51 1.80
N ALA A 117 7.98 4.72 0.95
CA ALA A 117 8.40 3.72 -0.07
C ALA A 117 8.76 2.41 0.66
N PHE A 118 9.52 2.51 1.74
CA PHE A 118 9.92 1.30 2.51
C PHE A 118 8.68 0.65 3.18
N ALA A 119 7.75 1.46 3.70
CA ALA A 119 6.50 1.00 4.37
C ALA A 119 5.67 0.13 3.40
N LEU A 120 5.76 0.41 2.11
CA LEU A 120 5.05 -0.35 1.07
C LEU A 120 5.59 -1.78 1.04
N TRP A 121 6.92 -1.95 1.00
CA TRP A 121 7.58 -3.28 0.98
C TRP A 121 7.50 -3.96 2.33
N SER A 122 7.59 -3.21 3.42
CA SER A 122 7.61 -3.81 4.77
C SER A 122 6.37 -4.71 5.01
N ALA A 123 5.20 -4.31 4.57
CA ALA A 123 3.97 -5.08 4.86
C ALA A 123 3.97 -6.45 4.15
N VAL A 124 4.65 -6.60 3.00
CA VAL A 124 4.55 -7.83 2.14
C VAL A 124 5.83 -8.67 2.17
N THR A 125 6.76 -8.41 3.10
CA THR A 125 8.10 -9.07 3.17
C THR A 125 8.38 -9.39 4.64
N PRO A 126 9.20 -10.41 4.99
CA PRO A 126 9.62 -10.58 6.38
C PRO A 126 10.71 -9.57 6.82
N LEU A 127 10.95 -8.53 6.02
CA LEU A 127 12.05 -7.56 6.29
C LEU A 127 11.51 -6.32 7.01
N THR A 128 12.33 -5.69 7.84
CA THR A 128 12.03 -4.34 8.38
C THR A 128 13.03 -3.38 7.77
N PHE A 129 12.68 -2.09 7.75
CA PHE A 129 13.48 -1.01 7.15
C PHE A 129 13.70 0.03 8.23
N THR A 130 14.97 0.23 8.58
CA THR A 130 15.32 1.18 9.66
C THR A 130 16.35 2.18 9.17
N ARG A 131 16.07 3.45 9.42
CA ARG A 131 16.99 4.52 9.06
C ARG A 131 18.16 4.58 10.04
N VAL A 132 19.36 4.71 9.45
CA VAL A 132 20.62 4.92 10.20
C VAL A 132 21.32 6.15 9.63
N TYR A 133 22.38 6.57 10.31
CA TYR A 133 23.28 7.67 9.88
C TYR A 133 24.69 7.10 9.84
N SER A 134 24.99 6.28 8.85
CA SER A 134 26.24 5.50 8.84
C SER A 134 26.56 5.00 7.44
N ARG A 135 27.84 4.97 7.11
CA ARG A 135 28.41 4.43 5.85
C ARG A 135 28.04 2.94 5.68
N ASP A 136 27.84 2.19 6.76
CA ASP A 136 27.61 0.71 6.76
C ASP A 136 26.14 0.35 6.53
N ALA A 137 25.24 1.31 6.33
CA ALA A 137 23.85 0.99 5.99
C ALA A 137 23.80 -0.05 4.88
N ASP A 138 22.79 -0.92 4.86
CA ASP A 138 22.63 -1.87 3.73
C ASP A 138 22.38 -1.08 2.44
N ILE A 139 21.43 -0.15 2.52
CA ILE A 139 20.93 0.62 1.36
C ILE A 139 21.41 2.04 1.56
N VAL A 140 22.45 2.41 0.84
CA VAL A 140 22.83 3.83 0.77
C VAL A 140 22.04 4.55 -0.32
N ILE A 141 21.38 5.63 0.06
CA ILE A 141 20.57 6.47 -0.85
C ILE A 141 21.37 7.72 -1.20
N GLN A 142 21.49 8.02 -2.50
CA GLN A 142 22.29 9.16 -2.93
C GLN A 142 21.59 9.85 -4.10
N PHE A 143 21.59 11.19 -4.09
CA PHE A 143 21.17 12.02 -5.22
C PHE A 143 22.44 12.33 -6.01
N GLY A 144 22.37 12.27 -7.33
CA GLY A 144 23.59 12.41 -8.15
C GLY A 144 23.26 12.88 -9.53
N VAL A 145 24.21 13.53 -10.21
CA VAL A 145 24.00 14.00 -11.62
C VAL A 145 25.10 13.35 -12.46
N ALA A 146 24.72 12.91 -13.64
CA ALA A 146 25.67 12.43 -14.66
C ALA A 146 26.60 11.42 -13.99
N GLU A 147 27.92 11.60 -14.10
CA GLU A 147 28.83 10.60 -13.48
C GLU A 147 28.92 10.97 -11.99
N HIS A 148 28.45 10.07 -11.15
CA HIS A 148 28.25 10.36 -9.70
C HIS A 148 29.02 9.35 -8.87
N GLY A 149 29.97 8.66 -9.47
CA GLY A 149 31.00 7.92 -8.75
C GLY A 149 30.82 6.42 -8.83
N ASP A 150 29.90 5.89 -9.65
CA ASP A 150 29.79 4.42 -9.80
C ASP A 150 30.02 3.95 -11.25
N GLY A 151 30.37 4.84 -12.17
CA GLY A 151 30.65 4.41 -13.55
C GLY A 151 29.36 4.05 -14.29
N TYR A 152 28.21 4.35 -13.72
CA TYR A 152 26.89 4.20 -14.39
C TYR A 152 26.20 5.54 -14.43
N PRO A 153 26.63 6.41 -15.35
CA PRO A 153 26.19 7.80 -15.33
C PRO A 153 24.72 7.94 -15.75
N PHE A 154 24.11 8.91 -15.11
CA PHE A 154 22.78 9.43 -15.47
C PHE A 154 22.94 10.25 -16.76
N ASP A 155 21.81 10.67 -17.32
CA ASP A 155 21.72 11.14 -18.73
C ASP A 155 21.18 12.55 -18.82
N GLY A 156 21.23 13.32 -17.74
CA GLY A 156 20.58 14.64 -17.66
C GLY A 156 19.07 14.54 -17.54
N LYS A 157 18.35 15.61 -17.83
CA LYS A 157 16.90 15.71 -17.52
C LYS A 157 16.06 14.72 -18.36
N ASP A 158 15.04 14.12 -17.74
CA ASP A 158 14.17 13.04 -18.29
C ASP A 158 15.00 11.82 -18.74
N GLY A 159 14.42 10.95 -19.57
CA GLY A 159 15.03 9.64 -19.88
C GLY A 159 15.07 8.79 -18.61
N LEU A 160 16.25 8.41 -18.16
CA LEU A 160 16.30 7.52 -16.98
C LEU A 160 16.28 8.37 -15.71
N LEU A 161 15.54 7.91 -14.69
CA LEU A 161 15.25 8.74 -13.49
C LEU A 161 16.12 8.35 -12.29
N ALA A 162 16.58 7.11 -12.27
CA ALA A 162 17.19 6.50 -11.08
C ALA A 162 17.69 5.12 -11.44
N HIS A 163 18.46 4.55 -10.54
CA HIS A 163 18.79 3.11 -10.56
C HIS A 163 19.16 2.59 -9.16
N ALA A 164 19.34 1.28 -9.09
CA ALA A 164 19.59 0.61 -7.81
C ALA A 164 20.28 -0.70 -8.10
N PHE A 165 20.87 -1.28 -7.06
CA PHE A 165 21.75 -2.46 -7.17
C PHE A 165 21.11 -3.57 -6.36
N PRO A 166 21.21 -4.84 -6.79
CA PRO A 166 20.64 -5.95 -6.05
C PRO A 166 21.36 -6.14 -4.71
N PRO A 167 20.73 -6.86 -3.79
CA PRO A 167 21.30 -7.10 -2.48
C PRO A 167 22.72 -7.68 -2.49
N GLY A 168 23.45 -7.32 -1.45
CA GLY A 168 24.83 -7.73 -1.26
C GLY A 168 25.62 -6.64 -0.55
N PRO A 169 26.95 -6.80 -0.49
CA PRO A 169 27.82 -5.81 0.14
C PRO A 169 28.14 -4.58 -0.72
N GLY A 170 28.66 -3.56 -0.03
CA GLY A 170 29.13 -2.29 -0.63
C GLY A 170 28.05 -1.63 -1.46
N ILE A 171 28.33 -1.35 -2.72
CA ILE A 171 27.36 -0.62 -3.60
C ILE A 171 26.07 -1.44 -3.74
N GLN A 172 26.17 -2.74 -3.55
CA GLN A 172 24.99 -3.61 -3.68
C GLN A 172 23.93 -3.14 -2.67
N GLY A 173 22.68 -3.14 -3.12
CA GLY A 173 21.52 -2.63 -2.35
C GLY A 173 21.36 -1.11 -2.36
N ASP A 174 22.27 -0.35 -2.94
CA ASP A 174 22.20 1.13 -2.92
C ASP A 174 21.19 1.64 -3.96
N ALA A 175 20.67 2.83 -3.73
CA ALA A 175 19.69 3.47 -4.62
C ALA A 175 20.16 4.88 -4.91
N HIS A 176 20.19 5.23 -6.20
CA HIS A 176 20.66 6.55 -6.70
C HIS A 176 19.54 7.18 -7.51
N PHE A 177 19.36 8.46 -7.30
CA PHE A 177 18.28 9.26 -7.90
C PHE A 177 18.94 10.38 -8.69
N ASP A 178 18.52 10.52 -9.94
CA ASP A 178 19.10 11.48 -10.91
C ASP A 178 18.59 12.88 -10.56
N ASP A 179 19.47 13.74 -10.04
CA ASP A 179 19.05 15.09 -9.58
C ASP A 179 19.07 16.10 -10.74
N ASP A 180 19.33 15.70 -11.98
CA ASP A 180 18.95 16.55 -13.15
C ASP A 180 17.43 16.45 -13.35
N GLU A 181 16.75 15.52 -12.69
CA GLU A 181 15.27 15.50 -12.71
C GLU A 181 14.79 16.50 -11.68
N LEU A 182 13.59 17.02 -11.85
CA LEU A 182 12.90 17.80 -10.79
C LEU A 182 12.16 16.80 -9.93
N TRP A 183 12.56 16.66 -8.66
CA TRP A 183 11.88 15.73 -7.73
C TRP A 183 10.73 16.46 -7.03
N SER A 184 9.54 15.87 -7.07
CA SER A 184 8.35 16.35 -6.34
C SER A 184 7.60 15.15 -5.78
N LEU A 185 6.32 15.32 -5.56
CA LEU A 185 5.47 14.16 -5.25
C LEU A 185 4.65 13.81 -6.51
N GLY A 186 5.03 14.33 -7.68
CA GLY A 186 4.46 13.88 -8.97
C GLY A 186 3.28 14.72 -9.40
N LYS A 187 2.94 15.71 -8.57
CA LYS A 187 1.86 16.69 -8.83
C LYS A 187 2.46 17.99 -9.35
N GLY A 188 1.88 18.51 -10.43
CA GLY A 188 2.12 19.83 -11.01
C GLY A 188 3.34 19.80 -11.91
N GLN A 189 4.53 19.72 -11.32
CA GLN A 189 5.76 19.48 -12.10
C GLN A 189 6.58 18.44 -11.34
N GLY A 190 7.39 17.69 -12.07
CA GLY A 190 8.43 16.83 -11.50
C GLY A 190 7.96 15.40 -11.30
N TYR A 191 8.90 14.52 -10.99
CA TYR A 191 8.59 13.07 -10.79
C TYR A 191 8.35 12.81 -9.31
N SER A 192 7.40 11.93 -8.98
CA SER A 192 7.17 11.46 -7.59
C SER A 192 8.40 10.71 -7.08
N LEU A 193 9.13 11.29 -6.11
CA LEU A 193 10.26 10.63 -5.44
C LEU A 193 9.74 9.36 -4.76
N PHE A 194 8.54 9.39 -4.18
CA PHE A 194 7.90 8.22 -3.54
C PHE A 194 7.75 7.08 -4.55
N LEU A 195 7.17 7.32 -5.72
CA LEU A 195 6.92 6.18 -6.66
C LEU A 195 8.24 5.66 -7.23
N VAL A 196 9.18 6.55 -7.56
CA VAL A 196 10.50 6.12 -8.12
C VAL A 196 11.25 5.34 -7.04
N ALA A 197 11.34 5.86 -5.81
CA ALA A 197 12.02 5.16 -4.69
C ALA A 197 11.37 3.79 -4.44
N ALA A 198 10.03 3.68 -4.45
CA ALA A 198 9.33 2.39 -4.23
C ALA A 198 9.80 1.39 -5.28
N HIS A 199 9.85 1.81 -6.54
CA HIS A 199 10.38 0.97 -7.65
C HIS A 199 11.85 0.60 -7.38
N GLU A 200 12.71 1.59 -7.08
CA GLU A 200 14.16 1.31 -6.90
C GLU A 200 14.38 0.40 -5.68
N PHE A 201 13.60 0.59 -4.61
CA PHE A 201 13.74 -0.27 -3.39
C PHE A 201 13.39 -1.72 -3.74
N GLY A 202 12.50 -1.98 -4.72
CA GLY A 202 12.22 -3.35 -5.19
C GLY A 202 13.49 -4.01 -5.70
N HIS A 203 14.26 -3.29 -6.50
CA HIS A 203 15.57 -3.77 -6.99
C HIS A 203 16.53 -3.99 -5.81
N ALA A 204 16.56 -3.05 -4.87
CA ALA A 204 17.43 -3.17 -3.69
C ALA A 204 17.04 -4.39 -2.83
N LEU A 205 15.84 -4.96 -3.02
CA LEU A 205 15.42 -6.19 -2.30
C LEU A 205 15.64 -7.46 -3.13
N GLY A 206 15.96 -7.32 -4.41
CA GLY A 206 16.31 -8.44 -5.27
C GLY A 206 15.34 -8.61 -6.42
N LEU A 207 14.43 -7.66 -6.66
CA LEU A 207 13.45 -7.86 -7.78
C LEU A 207 14.02 -7.29 -9.08
N ASP A 208 13.64 -7.92 -10.19
CA ASP A 208 13.90 -7.41 -11.56
C ASP A 208 12.66 -6.71 -12.09
N HIS A 209 12.74 -6.23 -13.31
CA HIS A 209 11.62 -5.55 -14.00
C HIS A 209 10.53 -6.55 -14.24
N SER A 210 9.30 -6.10 -14.12
CA SER A 210 8.08 -6.84 -14.52
C SER A 210 7.76 -6.46 -15.96
N SER A 211 7.13 -7.37 -16.68
CA SER A 211 6.60 -7.07 -18.03
C SER A 211 5.11 -6.73 -17.93
N VAL A 212 4.53 -6.73 -16.71
CA VAL A 212 3.11 -6.33 -16.47
C VAL A 212 3.05 -4.80 -16.38
N PRO A 213 2.39 -4.10 -17.34
CA PRO A 213 2.41 -2.64 -17.34
C PRO A 213 1.95 -1.98 -16.02
N GLU A 214 1.03 -2.60 -15.31
CA GLU A 214 0.41 -1.97 -14.12
C GLU A 214 1.26 -2.25 -12.87
N ALA A 215 2.29 -3.09 -12.96
CA ALA A 215 3.11 -3.45 -11.79
C ALA A 215 4.06 -2.29 -11.45
N LEU A 216 4.33 -2.13 -10.17
CA LEU A 216 5.34 -1.16 -9.66
C LEU A 216 6.68 -1.47 -10.33
N MET A 217 7.02 -2.74 -10.56
CA MET A 217 8.38 -3.08 -11.05
C MET A 217 8.45 -3.01 -12.59
N TYR A 218 7.37 -2.64 -13.27
CA TYR A 218 7.43 -2.21 -14.68
C TYR A 218 8.39 -1.02 -14.82
N PRO A 219 9.26 -1.01 -15.84
CA PRO A 219 10.38 -0.06 -15.84
C PRO A 219 9.96 1.38 -16.10
N MET A 220 8.84 1.61 -16.78
CA MET A 220 8.39 3.00 -17.11
C MET A 220 7.77 3.68 -15.89
N TYR A 221 8.06 4.96 -15.76
CA TYR A 221 7.45 5.83 -14.75
C TYR A 221 5.99 6.04 -15.13
N ARG A 222 5.09 5.73 -14.21
CA ARG A 222 3.64 5.98 -14.38
C ARG A 222 3.13 6.58 -13.06
N PHE A 223 2.78 7.87 -13.11
CA PHE A 223 2.18 8.56 -11.96
C PHE A 223 0.85 7.91 -11.60
N THR A 224 0.62 7.67 -10.31
CA THR A 224 -0.68 7.28 -9.77
C THR A 224 -0.86 7.89 -8.39
N GLU A 225 -2.11 8.15 -8.01
CA GLU A 225 -2.47 8.51 -6.62
C GLU A 225 -2.95 7.25 -5.88
N GLY A 226 -3.13 6.14 -6.59
CA GLY A 226 -3.61 4.88 -5.98
C GLY A 226 -2.48 4.08 -5.34
N PRO A 227 -2.82 3.02 -4.57
CA PRO A 227 -1.83 2.13 -3.97
C PRO A 227 -0.97 1.51 -5.06
N PRO A 228 0.36 1.65 -5.03
CA PRO A 228 1.17 1.31 -6.21
C PRO A 228 1.54 -0.16 -6.39
N LEU A 229 1.47 -1.00 -5.35
CA LEU A 229 1.81 -2.44 -5.47
C LEU A 229 0.72 -3.15 -6.29
N HIS A 230 1.16 -4.09 -7.12
CA HIS A 230 0.31 -5.01 -7.90
C HIS A 230 0.58 -6.44 -7.41
N LYS A 231 -0.36 -7.34 -7.68
CA LYS A 231 -0.21 -8.78 -7.43
C LYS A 231 1.19 -9.27 -7.86
N ASP A 232 1.63 -8.91 -9.04
CA ASP A 232 2.93 -9.30 -9.63
C ASP A 232 4.08 -8.86 -8.72
N ASP A 233 4.01 -7.70 -8.08
CA ASP A 233 5.13 -7.24 -7.22
C ASP A 233 5.15 -8.03 -5.90
N VAL A 234 4.00 -8.20 -5.32
CA VAL A 234 3.83 -8.95 -4.06
C VAL A 234 4.32 -10.39 -4.28
N ASN A 235 3.94 -11.00 -5.39
CA ASN A 235 4.32 -12.40 -5.73
C ASN A 235 5.82 -12.46 -6.00
N GLY A 236 6.38 -11.47 -6.70
CA GLY A 236 7.83 -11.40 -6.89
C GLY A 236 8.55 -11.49 -5.56
N ILE A 237 8.18 -10.66 -4.59
CA ILE A 237 8.83 -10.65 -3.26
C ILE A 237 8.66 -11.99 -2.54
N ARG A 238 7.46 -12.54 -2.57
CA ARG A 238 7.16 -13.91 -2.05
C ARG A 238 8.09 -14.98 -2.64
N HIS A 239 8.51 -14.89 -3.90
CA HIS A 239 9.36 -15.94 -4.51
C HIS A 239 10.82 -15.77 -4.06
N LEU A 240 11.12 -14.72 -3.29
CA LEU A 240 12.50 -14.43 -2.84
C LEU A 240 12.65 -14.78 -1.36
N TYR A 241 11.83 -14.19 -0.51
CA TYR A 241 11.95 -14.26 0.96
C TYR A 241 10.89 -15.24 1.45
N GLY A 242 11.35 -16.32 2.10
CA GLY A 242 10.49 -17.32 2.76
C GLY A 242 9.69 -16.73 3.91
N ASN B 11 -21.85 14.63 28.19
CA ASN B 11 -22.15 14.79 29.65
C ASN B 11 -22.25 13.41 30.34
N LEU B 12 -21.79 12.34 29.68
CA LEU B 12 -21.40 11.08 30.37
C LEU B 12 -20.17 11.37 31.23
N THR B 13 -20.09 10.79 32.43
CA THR B 13 -18.85 10.77 33.24
C THR B 13 -17.78 9.98 32.47
N ASP B 14 -16.52 10.17 32.83
CA ASP B 14 -15.37 9.31 32.43
C ASP B 14 -15.76 7.83 32.63
N ARG B 15 -16.28 7.47 33.80
CA ARG B 15 -16.62 6.04 34.10
C ARG B 15 -17.80 5.61 33.23
N GLN B 16 -18.83 6.43 33.04
CA GLN B 16 -19.99 6.00 32.20
C GLN B 16 -19.53 5.82 30.75
N LEU B 17 -18.69 6.72 30.26
CA LEU B 17 -18.09 6.53 28.92
C LEU B 17 -17.41 5.15 28.86
N ALA B 18 -16.55 4.87 29.84
CA ALA B 18 -15.76 3.61 29.91
C ALA B 18 -16.73 2.42 29.91
N GLU B 19 -17.79 2.49 30.72
CA GLU B 19 -18.78 1.38 30.79
C GLU B 19 -19.51 1.18 29.46
N GLU B 20 -19.94 2.25 28.77
CA GLU B 20 -20.61 2.11 27.45
C GLU B 20 -19.64 1.43 26.46
N TYR B 21 -18.37 1.85 26.46
CA TYR B 21 -17.33 1.38 25.51
C TYR B 21 -17.03 -0.10 25.77
N LEU B 22 -16.80 -0.44 27.04
CA LEU B 22 -16.47 -1.82 27.47
C LEU B 22 -17.59 -2.75 27.05
N TYR B 23 -18.85 -2.34 27.25
CA TYR B 23 -20.00 -3.16 26.85
C TYR B 23 -20.10 -3.26 25.32
N ARG B 24 -20.18 -2.12 24.61
CA ARG B 24 -20.50 -2.09 23.17
C ARG B 24 -19.51 -3.00 22.41
N TYR B 25 -18.23 -2.93 22.78
CA TYR B 25 -17.18 -3.61 21.98
C TYR B 25 -16.86 -5.01 22.53
N GLY B 26 -17.56 -5.45 23.58
CA GLY B 26 -17.56 -6.87 24.00
C GLY B 26 -16.58 -7.21 25.13
N TYR B 27 -16.07 -6.25 25.88
CA TYR B 27 -15.09 -6.55 26.97
C TYR B 27 -15.78 -6.98 28.27
N THR B 28 -17.06 -6.63 28.41
CA THR B 28 -17.85 -6.74 29.66
C THR B 28 -19.10 -7.54 29.26
N ARG B 29 -19.32 -8.71 29.83
CA ARG B 29 -20.49 -9.56 29.43
C ARG B 29 -21.81 -8.79 29.69
N VAL B 30 -21.91 -8.01 30.77
CA VAL B 30 -23.09 -7.14 31.07
C VAL B 30 -22.71 -5.65 31.02
N ALA B 31 -23.71 -4.79 30.92
CA ALA B 31 -23.48 -3.33 30.95
C ALA B 31 -23.23 -2.97 32.42
N GLU B 32 -21.99 -2.58 32.72
CA GLU B 32 -21.55 -2.25 34.11
C GLU B 32 -21.96 -0.82 34.47
N MET B 33 -22.32 -0.63 35.71
CA MET B 33 -22.74 0.71 36.18
C MET B 33 -22.24 0.87 37.62
N ARG B 34 -20.97 1.22 37.81
CA ARG B 34 -20.35 1.16 39.16
C ARG B 34 -20.07 2.54 39.76
N GLY B 35 -19.78 2.55 41.06
CA GLY B 35 -19.57 3.76 41.86
C GLY B 35 -18.10 4.12 41.95
N GLU B 36 -17.22 3.34 41.32
CA GLU B 36 -15.75 3.53 41.37
C GLU B 36 -15.12 2.69 40.24
N SER B 37 -13.89 3.02 39.83
CA SER B 37 -13.23 2.43 38.64
C SER B 37 -12.31 1.29 39.05
N LYS B 38 -12.01 1.16 40.34
CA LYS B 38 -11.05 0.09 40.77
C LYS B 38 -11.64 -1.29 40.45
N SER B 39 -12.96 -1.49 40.67
CA SER B 39 -13.62 -2.81 40.41
C SER B 39 -13.57 -3.16 38.91
N LEU B 40 -13.44 -2.19 38.00
CA LEU B 40 -13.39 -2.41 36.52
C LEU B 40 -11.97 -2.80 36.07
N GLY B 41 -11.05 -3.02 37.00
CA GLY B 41 -9.64 -3.37 36.72
C GLY B 41 -9.55 -4.48 35.69
N PRO B 42 -10.12 -5.68 35.94
CA PRO B 42 -10.01 -6.78 34.98
C PRO B 42 -10.47 -6.38 33.57
N ALA B 43 -11.62 -5.74 33.47
CA ALA B 43 -12.19 -5.38 32.15
C ALA B 43 -11.24 -4.40 31.43
N LEU B 44 -10.69 -3.43 32.16
CA LEU B 44 -9.75 -2.41 31.60
C LEU B 44 -8.47 -3.10 31.13
N LEU B 45 -7.97 -4.07 31.90
CA LEU B 45 -6.77 -4.87 31.52
C LEU B 45 -7.05 -5.60 30.22
N LEU B 46 -8.23 -6.19 30.12
CA LEU B 46 -8.59 -6.90 28.86
C LEU B 46 -8.54 -5.95 27.66
N LEU B 47 -9.12 -4.77 27.81
CA LEU B 47 -9.22 -3.75 26.71
C LEU B 47 -7.81 -3.22 26.40
N GLN B 48 -7.01 -2.99 27.44
CA GLN B 48 -5.62 -2.48 27.30
C GLN B 48 -4.79 -3.52 26.53
N LYS B 49 -4.96 -4.79 26.82
CA LYS B 49 -4.30 -5.87 26.03
C LYS B 49 -4.77 -5.83 24.57
N GLN B 50 -6.08 -5.79 24.35
CA GLN B 50 -6.65 -5.91 22.96
C GLN B 50 -6.27 -4.69 22.11
N LEU B 51 -6.10 -3.51 22.71
CA LEU B 51 -5.80 -2.24 22.01
C LEU B 51 -4.31 -1.88 22.13
N SER B 52 -3.48 -2.69 22.78
CA SER B 52 -2.03 -2.47 23.01
C SER B 52 -1.82 -1.13 23.76
N LEU B 53 -2.58 -0.89 24.81
CA LEU B 53 -2.32 0.26 25.70
C LEU B 53 -1.50 -0.26 26.88
N PRO B 54 -0.85 0.63 27.64
CA PRO B 54 -0.20 0.21 28.88
C PRO B 54 -1.23 -0.51 29.74
N GLU B 55 -0.84 -1.71 30.16
CA GLU B 55 -1.69 -2.64 30.95
C GLU B 55 -1.65 -2.26 32.44
N THR B 56 -2.24 -1.10 32.76
CA THR B 56 -2.31 -0.54 34.13
C THR B 56 -3.51 -1.09 34.91
N GLY B 57 -4.54 -1.58 34.23
CA GLY B 57 -5.86 -1.88 34.85
C GLY B 57 -6.58 -0.64 35.39
N GLU B 58 -6.14 0.57 35.05
CA GLU B 58 -6.74 1.82 35.59
C GLU B 58 -7.38 2.62 34.46
N LEU B 59 -8.41 3.39 34.79
CA LEU B 59 -9.05 4.34 33.85
C LEU B 59 -8.19 5.61 33.81
N ASP B 60 -7.06 5.49 33.14
CA ASP B 60 -6.03 6.54 33.09
C ASP B 60 -6.15 7.33 31.79
N SER B 61 -5.26 8.31 31.60
CA SER B 61 -5.18 9.20 30.42
C SER B 61 -5.26 8.39 29.12
N ALA B 62 -4.39 7.39 29.00
CA ALA B 62 -4.19 6.62 27.76
C ALA B 62 -5.47 5.85 27.47
N THR B 63 -6.09 5.26 28.50
CA THR B 63 -7.32 4.44 28.31
C THR B 63 -8.51 5.33 27.93
N LEU B 64 -8.67 6.49 28.57
CA LEU B 64 -9.78 7.43 28.22
C LEU B 64 -9.58 8.00 26.80
N LYS B 65 -8.35 8.37 26.45
CA LYS B 65 -8.00 8.84 25.09
C LYS B 65 -8.47 7.79 24.09
N ALA B 66 -8.09 6.53 24.31
CA ALA B 66 -8.46 5.38 23.46
C ALA B 66 -10.00 5.31 23.33
N MET B 67 -10.68 5.37 24.47
CA MET B 67 -12.15 5.23 24.47
C MET B 67 -12.82 6.42 23.79
N ARG B 68 -12.19 7.61 23.78
CA ARG B 68 -12.79 8.79 23.11
C ARG B 68 -12.46 8.79 21.62
N THR B 69 -11.62 7.88 21.15
CA THR B 69 -11.14 7.93 19.74
C THR B 69 -12.23 7.35 18.85
N PRO B 70 -12.66 8.12 17.81
CA PRO B 70 -13.55 7.60 16.78
C PRO B 70 -13.02 6.30 16.17
N ARG B 71 -13.93 5.37 15.89
CA ARG B 71 -13.51 3.98 15.56
C ARG B 71 -14.56 3.24 14.74
N CYS B 72 -14.18 2.04 14.35
CA CYS B 72 -15.04 1.04 13.73
C CYS B 72 -16.13 0.56 14.71
N GLY B 73 -17.35 0.37 14.20
CA GLY B 73 -18.52 -0.08 14.98
C GLY B 73 -18.56 -1.58 15.13
N VAL B 74 -17.66 -2.32 14.48
CA VAL B 74 -17.60 -3.80 14.65
C VAL B 74 -17.04 -4.05 16.05
N PRO B 75 -17.57 -5.01 16.82
CA PRO B 75 -16.99 -5.27 18.13
C PRO B 75 -15.61 -5.90 18.11
N ASP B 76 -15.04 -6.01 19.30
CA ASP B 76 -13.67 -6.55 19.49
C ASP B 76 -13.75 -7.96 20.10
N LEU B 77 -14.36 -8.13 21.26
CA LEU B 77 -14.21 -9.39 22.05
C LEU B 77 -15.54 -10.05 22.37
N GLY B 78 -16.66 -9.53 21.90
CA GLY B 78 -17.99 -10.00 22.33
C GLY B 78 -19.05 -9.21 21.58
N ARG B 79 -20.32 -9.51 21.83
CA ARG B 79 -21.45 -8.74 21.26
C ARG B 79 -21.56 -9.03 19.75
N PHE B 80 -20.92 -10.07 19.20
CA PHE B 80 -21.03 -10.37 17.75
C PHE B 80 -22.34 -11.10 17.48
N GLN B 81 -22.84 -11.04 16.23
CA GLN B 81 -24.00 -11.86 15.79
C GLN B 81 -23.48 -13.18 15.21
N THR B 82 -24.28 -14.26 15.25
CA THR B 82 -23.93 -15.52 14.55
C THR B 82 -24.28 -15.38 13.06
N PHE B 83 -23.34 -15.67 12.18
CA PHE B 83 -23.56 -15.61 10.71
C PHE B 83 -23.44 -17.00 10.07
N GLU B 84 -23.93 -17.07 8.82
CA GLU B 84 -23.93 -18.26 7.93
C GLU B 84 -22.55 -18.47 7.31
N GLY B 85 -22.08 -19.71 7.32
CA GLY B 85 -20.99 -20.21 6.46
C GLY B 85 -19.65 -20.07 7.13
N ASP B 86 -18.55 -20.17 6.40
CA ASP B 86 -17.23 -20.18 7.06
C ASP B 86 -16.61 -18.77 7.02
N LEU B 87 -17.34 -17.74 6.59
CA LEU B 87 -16.91 -16.32 6.73
C LEU B 87 -15.63 -16.07 5.92
N LYS B 88 -15.47 -16.80 4.82
CA LYS B 88 -14.56 -16.40 3.72
C LYS B 88 -15.26 -16.60 2.38
N TRP B 89 -14.84 -15.87 1.37
CA TRP B 89 -15.35 -16.07 -0.01
C TRP B 89 -14.84 -17.39 -0.60
N HIS B 90 -15.63 -18.00 -1.47
CA HIS B 90 -15.32 -19.27 -2.17
C HIS B 90 -15.41 -19.05 -3.67
N HIS B 91 -15.19 -17.82 -4.12
CA HIS B 91 -15.02 -17.46 -5.53
C HIS B 91 -13.98 -16.33 -5.54
N HIS B 92 -13.37 -16.09 -6.69
CA HIS B 92 -12.20 -15.21 -6.88
CA HIS B 92 -12.21 -15.19 -6.82
C HIS B 92 -12.65 -13.79 -7.26
N ASN B 93 -13.74 -13.68 -8.02
CA ASN B 93 -14.13 -12.36 -8.56
C ASN B 93 -15.19 -11.77 -7.64
N ILE B 94 -14.77 -10.87 -6.75
CA ILE B 94 -15.67 -10.26 -5.74
C ILE B 94 -16.22 -9.00 -6.38
N THR B 95 -17.53 -8.89 -6.43
CA THR B 95 -18.21 -7.76 -7.08
C THR B 95 -18.64 -6.81 -5.98
N TYR B 96 -18.61 -5.53 -6.27
CA TYR B 96 -19.09 -4.52 -5.31
C TYR B 96 -19.99 -3.49 -5.98
N TRP B 97 -21.05 -3.10 -5.27
CA TRP B 97 -22.03 -2.08 -5.69
C TRP B 97 -22.03 -0.92 -4.70
N ILE B 98 -21.77 0.29 -5.20
CA ILE B 98 -22.04 1.56 -4.45
C ILE B 98 -23.54 1.87 -4.57
N GLN B 99 -24.30 1.46 -3.57
CA GLN B 99 -25.78 1.51 -3.59
C GLN B 99 -26.29 2.95 -3.52
N ASN B 100 -25.60 3.82 -2.80
CA ASN B 100 -26.00 5.25 -2.72
C ASN B 100 -24.75 6.08 -2.41
N TYR B 101 -24.91 7.40 -2.37
CA TYR B 101 -23.78 8.35 -2.20
C TYR B 101 -24.03 9.38 -1.10
N SER B 102 -22.99 9.67 -0.32
CA SER B 102 -22.92 10.87 0.53
C SER B 102 -22.79 12.07 -0.41
N GLU B 103 -23.40 13.20 -0.04
CA GLU B 103 -23.28 14.51 -0.75
C GLU B 103 -21.99 15.22 -0.33
N ASP B 104 -21.24 14.68 0.61
CA ASP B 104 -20.01 15.32 1.11
C ASP B 104 -18.91 15.41 0.04
N LEU B 105 -18.91 14.52 -0.94
CA LEU B 105 -17.81 14.41 -1.90
C LEU B 105 -18.42 14.20 -3.26
N PRO B 106 -17.77 14.66 -4.34
CA PRO B 106 -18.28 14.34 -5.67
C PRO B 106 -18.30 12.81 -5.87
N ARG B 107 -19.28 12.32 -6.63
CA ARG B 107 -19.46 10.87 -6.84
C ARG B 107 -18.16 10.23 -7.36
N ALA B 108 -17.42 10.91 -8.24
CA ALA B 108 -16.21 10.35 -8.86
C ALA B 108 -15.12 10.16 -7.79
N VAL B 109 -15.09 11.06 -6.81
CA VAL B 109 -14.09 11.03 -5.72
C VAL B 109 -14.40 9.86 -4.77
N ILE B 110 -15.67 9.65 -4.45
CA ILE B 110 -16.15 8.50 -3.66
C ILE B 110 -15.79 7.20 -4.39
N ASP B 111 -16.17 7.08 -5.66
CA ASP B 111 -15.84 5.93 -6.54
C ASP B 111 -14.35 5.61 -6.44
N ASP B 112 -13.51 6.63 -6.58
CA ASP B 112 -12.05 6.45 -6.64
C ASP B 112 -11.54 6.02 -5.26
N ALA B 113 -12.11 6.58 -4.21
CA ALA B 113 -11.68 6.22 -2.85
C ALA B 113 -11.95 4.72 -2.61
N PHE B 114 -13.12 4.21 -3.02
CA PHE B 114 -13.44 2.77 -2.88
C PHE B 114 -12.53 1.93 -3.79
N ALA B 115 -12.29 2.37 -5.03
CA ALA B 115 -11.44 1.60 -5.98
C ALA B 115 -10.04 1.46 -5.37
N ARG B 116 -9.53 2.53 -4.79
CA ARG B 116 -8.17 2.56 -4.22
C ARG B 116 -8.12 1.63 -2.99
N ALA B 117 -9.16 1.66 -2.16
CA ALA B 117 -9.22 0.81 -0.95
C ALA B 117 -9.22 -0.66 -1.39
N PHE B 118 -9.99 -1.01 -2.42
CA PHE B 118 -9.98 -2.41 -2.95
C PHE B 118 -8.61 -2.76 -3.53
N ALA B 119 -7.93 -1.81 -4.16
CA ALA B 119 -6.61 -2.07 -4.82
C ALA B 119 -5.58 -2.51 -3.77
N LEU B 120 -5.69 -2.00 -2.53
CA LEU B 120 -4.86 -2.48 -1.40
C LEU B 120 -4.99 -4.00 -1.22
N TRP B 121 -6.22 -4.51 -1.17
CA TRP B 121 -6.47 -5.93 -0.87
C TRP B 121 -6.19 -6.79 -2.11
N SER B 122 -6.43 -6.25 -3.28
CA SER B 122 -6.24 -6.98 -4.55
C SER B 122 -4.79 -7.51 -4.66
N ALA B 123 -3.80 -6.68 -4.33
CA ALA B 123 -2.37 -7.01 -4.53
C ALA B 123 -1.93 -8.15 -3.59
N VAL B 124 -2.56 -8.32 -2.43
CA VAL B 124 -2.06 -9.27 -1.38
C VAL B 124 -2.99 -10.48 -1.23
N THR B 125 -3.94 -10.66 -2.14
CA THR B 125 -4.90 -11.79 -2.15
C THR B 125 -5.04 -12.37 -3.56
N PRO B 126 -5.56 -13.62 -3.67
CA PRO B 126 -5.99 -14.15 -4.96
C PRO B 126 -7.36 -13.63 -5.46
N LEU B 127 -7.86 -12.51 -4.92
CA LEU B 127 -9.21 -12.00 -5.28
C LEU B 127 -9.04 -10.87 -6.28
N THR B 128 -10.04 -10.69 -7.15
CA THR B 128 -10.18 -9.49 -7.98
C THR B 128 -11.47 -8.82 -7.52
N PHE B 129 -11.45 -7.52 -7.51
CA PHE B 129 -12.63 -6.72 -7.14
C PHE B 129 -13.13 -6.02 -8.38
N THR B 130 -14.39 -6.25 -8.71
CA THR B 130 -15.03 -5.67 -9.91
C THR B 130 -16.17 -4.77 -9.45
N ARG B 131 -16.12 -3.51 -9.81
CA ARG B 131 -17.26 -2.61 -9.55
C ARG B 131 -18.43 -2.99 -10.48
N VAL B 132 -19.62 -3.12 -9.92
CA VAL B 132 -20.84 -3.43 -10.70
C VAL B 132 -21.91 -2.38 -10.32
N TYR B 133 -23.01 -2.35 -11.07
CA TYR B 133 -23.96 -1.21 -11.02
C TYR B 133 -25.39 -1.66 -10.76
N SER B 134 -25.55 -2.82 -10.13
CA SER B 134 -26.86 -3.31 -9.60
C SER B 134 -26.69 -4.15 -8.34
N ARG B 135 -27.84 -4.50 -7.74
CA ARG B 135 -27.96 -5.33 -6.51
C ARG B 135 -27.26 -6.68 -6.69
N ASP B 136 -26.96 -7.10 -7.92
CA ASP B 136 -26.24 -8.39 -8.12
C ASP B 136 -24.78 -8.14 -7.78
N ALA B 137 -24.43 -8.21 -6.49
CA ALA B 137 -23.10 -7.82 -5.99
C ALA B 137 -22.84 -8.51 -4.66
N ASP B 138 -21.60 -8.92 -4.45
CA ASP B 138 -21.13 -9.54 -3.19
C ASP B 138 -21.08 -8.49 -2.08
N ILE B 139 -20.40 -7.38 -2.32
CA ILE B 139 -20.19 -6.30 -1.31
C ILE B 139 -21.05 -5.10 -1.71
N VAL B 140 -22.14 -4.89 -0.97
CA VAL B 140 -23.02 -3.72 -1.15
C VAL B 140 -22.51 -2.65 -0.20
N ILE B 141 -22.30 -1.44 -0.73
CA ILE B 141 -21.79 -0.27 0.02
C ILE B 141 -22.93 0.73 0.20
N GLN B 142 -23.15 1.12 1.44
CA GLN B 142 -24.25 2.02 1.80
C GLN B 142 -23.69 3.15 2.66
N PHE B 143 -24.14 4.37 2.39
CA PHE B 143 -24.08 5.51 3.32
C PHE B 143 -25.43 5.63 4.02
N GLY B 144 -25.40 5.66 5.36
CA GLY B 144 -26.62 5.66 6.20
C GLY B 144 -26.43 6.51 7.43
N VAL B 145 -27.52 6.96 8.04
CA VAL B 145 -27.45 7.66 9.37
C VAL B 145 -28.37 6.92 10.34
N ALA B 146 -28.00 6.95 11.62
CA ALA B 146 -28.82 6.43 12.73
C ALA B 146 -29.33 5.02 12.35
N GLU B 147 -30.64 4.77 12.44
CA GLU B 147 -31.24 3.45 12.06
C GLU B 147 -31.32 3.41 10.53
N HIS B 148 -30.54 2.57 9.86
CA HIS B 148 -30.37 2.62 8.38
C HIS B 148 -30.73 1.25 7.78
N GLY B 149 -31.58 0.47 8.47
CA GLY B 149 -32.19 -0.73 7.89
C GLY B 149 -31.59 -2.04 8.33
N ASP B 150 -30.61 -2.08 9.26
CA ASP B 150 -30.01 -3.37 9.61
C ASP B 150 -30.03 -3.66 11.10
N GLY B 151 -30.64 -2.80 11.92
CA GLY B 151 -30.76 -2.99 13.37
C GLY B 151 -29.48 -2.73 14.11
N TYR B 152 -28.49 -2.12 13.48
CA TYR B 152 -27.19 -1.76 14.11
C TYR B 152 -27.00 -0.26 13.87
N PRO B 153 -27.78 0.59 14.54
CA PRO B 153 -27.77 2.00 14.20
C PRO B 153 -26.41 2.71 14.41
N PHE B 154 -26.18 3.72 13.60
CA PHE B 154 -25.08 4.69 13.83
C PHE B 154 -25.49 5.66 14.94
N ASP B 155 -24.58 6.54 15.34
CA ASP B 155 -24.64 7.25 16.62
C ASP B 155 -24.46 8.74 16.40
N GLY B 156 -24.67 9.23 15.18
CA GLY B 156 -24.45 10.65 14.87
C GLY B 156 -22.97 10.96 14.77
N LYS B 157 -22.61 12.22 14.95
CA LYS B 157 -21.22 12.72 14.72
C LYS B 157 -20.19 12.02 15.65
N ASP B 158 -19.04 11.64 15.08
CA ASP B 158 -17.93 10.94 15.80
C ASP B 158 -18.37 9.58 16.40
N GLY B 159 -17.67 9.07 17.42
CA GLY B 159 -17.95 7.70 17.92
C GLY B 159 -17.75 6.67 16.82
N LEU B 160 -18.81 5.96 16.43
CA LEU B 160 -18.76 4.89 15.37
C LEU B 160 -18.65 5.59 14.03
N LEU B 161 -17.80 5.12 13.11
CA LEU B 161 -17.65 5.75 11.78
C LEU B 161 -18.32 4.91 10.70
N ALA B 162 -18.30 3.58 10.89
CA ALA B 162 -18.66 2.61 9.85
C ALA B 162 -18.70 1.23 10.48
N HIS B 163 -19.26 0.27 9.75
CA HIS B 163 -19.13 -1.15 10.10
C HIS B 163 -19.30 -2.00 8.85
N ALA B 164 -19.07 -3.29 8.99
CA ALA B 164 -19.10 -4.23 7.85
C ALA B 164 -19.42 -5.63 8.36
N PHE B 165 -19.81 -6.50 7.44
CA PHE B 165 -20.27 -7.89 7.71
C PHE B 165 -19.31 -8.87 7.09
N PRO B 166 -19.05 -10.04 7.72
CA PRO B 166 -18.10 -11.00 7.17
C PRO B 166 -18.67 -11.65 5.92
N PRO B 167 -17.82 -12.24 5.06
CA PRO B 167 -18.25 -12.90 3.84
C PRO B 167 -19.40 -13.91 4.03
N GLY B 168 -20.24 -13.97 3.01
CA GLY B 168 -21.47 -14.78 2.97
C GLY B 168 -22.56 -14.10 2.15
N PRO B 169 -23.79 -14.62 2.20
CA PRO B 169 -24.86 -14.13 1.34
C PRO B 169 -25.63 -12.95 1.98
N GLY B 170 -26.35 -12.23 1.13
CA GLY B 170 -27.18 -11.08 1.52
C GLY B 170 -26.35 -9.97 2.15
N ILE B 171 -26.67 -9.60 3.39
CA ILE B 171 -25.97 -8.50 4.12
C ILE B 171 -24.53 -8.91 4.41
N GLN B 172 -24.22 -10.20 4.38
CA GLN B 172 -22.83 -10.66 4.56
C GLN B 172 -21.97 -10.08 3.43
N GLY B 173 -20.80 -9.58 3.80
CA GLY B 173 -19.86 -8.93 2.87
C GLY B 173 -20.09 -7.43 2.73
N ASP B 174 -21.15 -6.87 3.27
CA ASP B 174 -21.57 -5.48 3.01
C ASP B 174 -20.80 -4.51 3.92
N ALA B 175 -20.71 -3.25 3.51
CA ALA B 175 -19.96 -2.20 4.22
C ALA B 175 -20.83 -0.95 4.31
N HIS B 176 -21.00 -0.42 5.51
CA HIS B 176 -21.85 0.77 5.75
C HIS B 176 -21.02 1.89 6.38
N PHE B 177 -21.27 3.14 5.97
CA PHE B 177 -20.53 4.34 6.39
C PHE B 177 -21.54 5.30 6.97
N ASP B 178 -21.22 5.82 8.16
CA ASP B 178 -22.05 6.76 8.92
C ASP B 178 -22.00 8.13 8.23
N ASP B 179 -23.09 8.52 7.58
CA ASP B 179 -23.11 9.82 6.88
C ASP B 179 -23.40 10.96 7.87
N ASP B 180 -23.48 10.72 9.18
CA ASP B 180 -23.43 11.87 10.12
C ASP B 180 -22.00 12.33 10.29
N GLU B 181 -21.01 11.61 9.75
CA GLU B 181 -19.62 12.12 9.65
C GLU B 181 -19.48 13.00 8.40
N LEU B 182 -18.51 13.89 8.42
CA LEU B 182 -17.99 14.56 7.20
C LEU B 182 -17.00 13.62 6.51
N TRP B 183 -17.35 13.10 5.34
CA TRP B 183 -16.42 12.24 4.58
C TRP B 183 -15.55 13.10 3.69
N SER B 184 -14.24 12.93 3.79
CA SER B 184 -13.27 13.63 2.91
C SER B 184 -12.16 12.65 2.52
N LEU B 185 -10.99 13.16 2.13
CA LEU B 185 -9.79 12.32 2.00
C LEU B 185 -8.85 12.56 3.18
N GLY B 186 -9.40 13.15 4.24
CA GLY B 186 -8.85 13.16 5.62
C GLY B 186 -7.85 14.29 5.92
N LYS B 187 -7.38 15.09 4.94
CA LYS B 187 -6.36 16.14 5.22
C LYS B 187 -7.07 17.34 5.86
N GLY B 188 -6.76 17.67 7.11
CA GLY B 188 -7.52 18.70 7.85
C GLY B 188 -8.92 18.23 8.18
N GLN B 189 -9.93 18.51 7.32
CA GLN B 189 -11.40 18.32 7.58
C GLN B 189 -11.82 16.86 7.38
N GLY B 190 -12.74 16.37 8.20
CA GLY B 190 -13.43 15.09 7.95
C GLY B 190 -12.58 13.85 8.17
N TYR B 191 -13.21 12.70 7.94
CA TYR B 191 -12.59 11.36 8.06
C TYR B 191 -12.29 10.86 6.65
N SER B 192 -11.08 10.30 6.46
CA SER B 192 -10.67 9.71 5.17
C SER B 192 -11.63 8.56 4.83
N LEU B 193 -12.45 8.75 3.79
CA LEU B 193 -13.33 7.67 3.26
C LEU B 193 -12.44 6.54 2.74
N PHE B 194 -11.25 6.85 2.22
CA PHE B 194 -10.32 5.81 1.71
C PHE B 194 -9.88 4.91 2.86
N LEU B 195 -9.41 5.46 3.98
CA LEU B 195 -8.80 4.65 5.08
C LEU B 195 -9.93 3.87 5.76
N VAL B 196 -11.07 4.52 6.00
CA VAL B 196 -12.16 3.80 6.73
C VAL B 196 -12.68 2.68 5.82
N ALA B 197 -12.91 2.97 4.54
CA ALA B 197 -13.31 1.92 3.57
C ALA B 197 -12.26 0.81 3.53
N ALA B 198 -10.96 1.14 3.53
CA ALA B 198 -9.92 0.08 3.41
C ALA B 198 -10.04 -0.87 4.62
N HIS B 199 -10.26 -0.31 5.81
CA HIS B 199 -10.48 -1.11 7.05
C HIS B 199 -11.75 -1.96 6.90
N GLU B 200 -12.86 -1.35 6.49
CA GLU B 200 -14.16 -2.06 6.44
C GLU B 200 -14.09 -3.20 5.41
N PHE B 201 -13.42 -2.99 4.29
CA PHE B 201 -13.32 -4.03 3.25
C PHE B 201 -12.54 -5.23 3.78
N GLY B 202 -11.56 -5.01 4.67
CA GLY B 202 -10.86 -6.11 5.36
C GLY B 202 -11.86 -7.04 6.06
N HIS B 203 -12.82 -6.47 6.79
CA HIS B 203 -13.92 -7.25 7.43
C HIS B 203 -14.70 -8.00 6.34
N ALA B 204 -15.02 -7.31 5.24
CA ALA B 204 -15.81 -7.87 4.13
C ALA B 204 -15.07 -9.04 3.46
N LEU B 205 -13.78 -9.22 3.78
CA LEU B 205 -13.01 -10.39 3.28
C LEU B 205 -12.87 -11.45 4.36
N GLY B 206 -13.22 -11.15 5.62
CA GLY B 206 -13.21 -12.12 6.72
C GLY B 206 -12.22 -11.80 7.82
N LEU B 207 -11.59 -10.62 7.83
CA LEU B 207 -10.65 -10.25 8.91
C LEU B 207 -11.41 -9.68 10.11
N ASP B 208 -10.83 -9.93 11.28
CA ASP B 208 -11.30 -9.30 12.53
CA ASP B 208 -11.23 -9.38 12.60
C ASP B 208 -10.31 -8.20 12.94
N HIS B 209 -10.50 -7.58 14.10
CA HIS B 209 -9.62 -6.45 14.51
C HIS B 209 -8.22 -6.93 14.89
N SER B 210 -7.22 -6.11 14.59
CA SER B 210 -5.82 -6.33 15.02
C SER B 210 -5.61 -5.61 16.36
N SER B 211 -4.71 -6.13 17.19
CA SER B 211 -4.17 -5.48 18.42
C SER B 211 -3.03 -4.51 18.12
N VAL B 212 -2.51 -4.56 16.90
CA VAL B 212 -1.33 -3.74 16.48
C VAL B 212 -1.80 -2.34 16.09
N PRO B 213 -1.44 -1.27 16.83
CA PRO B 213 -1.95 0.06 16.56
C PRO B 213 -1.63 0.61 15.17
N GLU B 214 -0.55 0.14 14.55
CA GLU B 214 -0.15 0.65 13.22
C GLU B 214 -0.86 -0.17 12.11
N ALA B 215 -1.54 -1.27 12.43
CA ALA B 215 -2.20 -2.12 11.43
C ALA B 215 -3.48 -1.45 10.91
N LEU B 216 -3.78 -1.65 9.63
CA LEU B 216 -5.05 -1.18 9.03
C LEU B 216 -6.24 -1.76 9.81
N MET B 217 -6.19 -3.01 10.23
CA MET B 217 -7.38 -3.67 10.88
C MET B 217 -7.46 -3.29 12.38
N TYR B 218 -6.60 -2.37 12.85
CA TYR B 218 -6.76 -1.80 14.21
C TYR B 218 -8.06 -0.99 14.21
N PRO B 219 -8.87 -1.06 15.27
CA PRO B 219 -10.22 -0.50 15.19
C PRO B 219 -10.31 1.04 15.20
N MET B 220 -9.32 1.73 15.75
CA MET B 220 -9.39 3.20 15.86
C MET B 220 -9.06 3.85 14.52
N TYR B 221 -9.76 4.94 14.20
CA TYR B 221 -9.40 5.84 13.09
C TYR B 221 -8.01 6.43 13.34
N ARG B 222 -7.11 6.28 12.39
CA ARG B 222 -5.76 6.87 12.43
C ARG B 222 -5.51 7.49 11.06
N PHE B 223 -5.54 8.82 10.93
CA PHE B 223 -5.23 9.47 9.65
C PHE B 223 -3.76 9.22 9.32
N THR B 224 -3.46 8.92 8.07
CA THR B 224 -2.05 8.81 7.60
C THR B 224 -2.04 9.11 6.11
N GLU B 225 -0.93 9.65 5.61
CA GLU B 225 -0.74 9.83 4.15
C GLU B 225 0.17 8.69 3.66
N GLY B 226 0.61 7.82 4.56
CA GLY B 226 1.47 6.68 4.23
C GLY B 226 0.69 5.48 3.73
N PRO B 227 1.40 4.47 3.17
CA PRO B 227 0.80 3.20 2.77
C PRO B 227 0.17 2.57 4.01
N PRO B 228 -1.16 2.31 4.03
CA PRO B 228 -1.82 1.91 5.26
C PRO B 228 -1.72 0.43 5.62
N LEU B 229 -1.39 -0.45 4.67
CA LEU B 229 -1.26 -1.90 4.99
C LEU B 229 -0.05 -2.15 5.89
N HIS B 230 -0.19 -3.08 6.83
CA HIS B 230 0.85 -3.52 7.78
C HIS B 230 1.06 -5.04 7.64
N LYS B 231 2.23 -5.54 8.05
CA LYS B 231 2.56 -6.98 8.09
C LYS B 231 1.40 -7.75 8.73
N ASP B 232 0.87 -7.28 9.86
CA ASP B 232 -0.22 -8.01 10.55
C ASP B 232 -1.42 -8.17 9.60
N ASP B 233 -1.78 -7.15 8.82
CA ASP B 233 -2.94 -7.25 7.86
C ASP B 233 -2.68 -8.35 6.83
N VAL B 234 -1.49 -8.35 6.28
CA VAL B 234 -1.08 -9.32 5.23
C VAL B 234 -1.03 -10.71 5.84
N ASN B 235 -0.49 -10.85 7.04
CA ASN B 235 -0.49 -12.19 7.69
C ASN B 235 -1.94 -12.65 7.89
N GLY B 236 -2.81 -11.80 8.45
CA GLY B 236 -4.23 -12.17 8.64
C GLY B 236 -4.87 -12.63 7.32
N ILE B 237 -4.67 -11.88 6.24
CA ILE B 237 -5.42 -12.14 4.98
C ILE B 237 -4.85 -13.41 4.33
N ARG B 238 -3.54 -13.67 4.45
CA ARG B 238 -2.92 -14.91 3.96
C ARG B 238 -3.39 -16.11 4.78
N HIS B 239 -3.57 -15.94 6.08
CA HIS B 239 -4.15 -17.00 6.90
C HIS B 239 -5.47 -17.49 6.28
N LEU B 240 -6.25 -16.60 5.68
CA LEU B 240 -7.58 -16.94 5.12
C LEU B 240 -7.51 -17.45 3.68
N TYR B 241 -6.76 -16.77 2.81
CA TYR B 241 -6.83 -17.00 1.34
C TYR B 241 -5.50 -17.57 0.81
N GLY B 242 -4.50 -17.75 1.67
CA GLY B 242 -3.21 -18.37 1.33
C GLY B 242 -2.23 -17.36 0.76
ZN ZN C . 13.90 -0.53 -12.42
ZN ZN D . 24.56 5.30 -9.45
CA CA E . 17.65 11.54 -16.37
CA CA F . 16.92 17.99 -9.28
CA CA G . 24.93 -1.27 0.10
O15 VOZ H . 23.42 -4.57 -13.55
C2 VOZ H . 22.98 -3.80 -12.67
C3 VOZ H . 21.82 -4.34 -11.90
N14 VOZ H . 21.67 -5.70 -11.82
C6 VOZ H . 20.57 -6.02 -11.11
C7 VOZ H . 20.01 -7.23 -10.78
C8 VOZ H . 18.87 -7.27 -10.01
C9 VOZ H . 18.31 -8.63 -9.71
C11 VOZ H . 17.08 -8.47 -8.84
C10 VOZ H . 18.31 -9.21 -8.31
C12 VOZ H . 18.27 -6.07 -9.61
C13 VOZ H . 18.79 -4.86 -9.95
C5 VOZ H . 19.98 -4.80 -10.69
C4 VOZ H . 20.78 -3.70 -11.15
N1 VOZ H . 23.55 -2.58 -12.52
C21 VOZ H . 24.64 -2.22 -13.39
C20 VOZ H . 24.12 -1.45 -14.57
C22 VOZ H . 24.47 -1.91 -15.84
C23 VOZ H . 24.05 -1.25 -16.98
N24 VOZ H . 23.31 -0.13 -16.86
C25 VOZ H . 22.98 0.34 -15.64
C19 VOZ H . 23.36 -0.30 -14.48
C18 VOZ H . 22.89 0.33 -13.19
C17 VOZ H . 22.18 -0.67 -12.32
C16 VOZ H . 23.16 -1.55 -11.56
ZN ZN I . -13.42 -2.75 12.19
ZN ZN J . -25.26 -0.89 8.98
CA CA K . -20.73 8.28 14.17
CA CA L . -21.93 13.16 5.85
CA CA M . -23.48 -9.01 0.46
CL CL N . -19.11 -17.67 -1.67
O15 VOZ O . -21.15 -9.32 14.67
C2 VOZ O . -20.98 -8.65 13.64
C3 VOZ O . -19.71 -8.89 12.88
N14 VOZ O . -19.03 -10.06 12.94
C6 VOZ O . -17.93 -10.01 12.17
C7 VOZ O . -16.97 -10.95 11.89
C8 VOZ O . -15.90 -10.62 11.04
C9 VOZ O . -14.80 -11.59 10.71
C11 VOZ O . -15.17 -13.07 10.53
C10 VOZ O . -14.36 -12.65 11.73
C12 VOZ O . -15.86 -9.31 10.49
C13 VOZ O . -16.85 -8.36 10.74
C5 VOZ O . -17.90 -8.72 11.57
C4 VOZ O . -19.02 -7.98 12.01
N1 VOZ O . -21.87 -7.71 13.28
C21 VOZ O . -23.07 -7.50 14.12
C20 VOZ O . -22.83 -6.30 15.01
C22 VOZ O . -22.74 -6.45 16.37
C23 VOZ O . -22.49 -5.36 17.19
N24 VOZ O . -22.37 -4.14 16.66
C25 VOZ O . -22.48 -3.96 15.34
C19 VOZ O . -22.71 -5.03 14.48
C18 VOZ O . -22.79 -4.80 13.00
C17 VOZ O . -21.55 -5.42 12.35
C16 VOZ O . -21.85 -6.88 12.06
P 2HP P . -14.84 -2.24 -13.10
O1 2HP P . -14.05 -2.81 -14.33
O2 2HP P . -14.71 -0.68 -13.03
O3 2HP P . -14.22 -2.82 -11.76
O4 2HP P . -16.35 -2.63 -13.26
#